data_6GU0
#
_entry.id   6GU0
#
_cell.length_a   128.630
_cell.length_b   128.630
_cell.length_c   128.630
_cell.angle_alpha   90.00
_cell.angle_beta   90.00
_cell.angle_gamma   90.00
#
_symmetry.space_group_name_H-M   'P 21 3'
#
loop_
_entity.id
_entity.type
_entity.pdbx_description
1 polymer 'FimH protein'
2 polymer 'FimG protein'
3 branched 'alpha-D-mannopyranose-(1-3)-methyl alpha-D-mannopyranoside'
4 non-polymer 'SULFATE ION'
5 water water
#
loop_
_entity_poly.entity_id
_entity_poly.type
_entity_poly.pdbx_seq_one_letter_code
_entity_poly.pdbx_strand_id
1 'polypeptide(L)'
;FACKTANGTAIPIGGGSANVYVNLAPAVNVGQNLVVDLSTQIFCHNDYPETITDYVTLQRGSAYGGVLSSFSGTVKYNGS
SYPFPTTSETPRVVYNSRTDKPWPVALYLTPVSSAGGVAIKAGSLIAVLILRQTNNYNSDDFQFVWNIYANNDVVVPTGG
CDVSARDVTVTLPDYPGSVPIPLTVYCAKSQNLGYYLSGTTADAGNSIFTNTASFSPAQGVGVQLTRNGTIIPANNTVSL
GAVGTSAVSLGLTANYARTGGQVTAGNVQSIIGVTFVYQ
;
A
2 'polypeptide(L)' ADVTITVNGKVVAK B
#
# COMPACT_ATOMS: atom_id res chain seq x y z
N PHE A 1 2.93 -36.42 -3.87
CA PHE A 1 2.82 -34.94 -4.00
C PHE A 1 3.15 -34.24 -2.69
N ALA A 2 4.07 -33.27 -2.74
CA ALA A 2 4.43 -32.49 -1.57
C ALA A 2 4.88 -31.10 -2.03
N CYS A 3 4.96 -30.18 -1.07
CA CYS A 3 5.27 -28.79 -1.37
C CYS A 3 6.28 -28.26 -0.35
N LYS A 4 6.97 -27.19 -0.73
CA LYS A 4 7.88 -26.51 0.19
C LYS A 4 7.93 -25.03 -0.16
N THR A 5 8.36 -24.23 0.82
CA THR A 5 8.47 -22.79 0.65
C THR A 5 9.89 -22.41 0.21
N ALA A 6 10.06 -21.11 -0.07
CA ALA A 6 11.37 -20.61 -0.49
C ALA A 6 12.40 -20.77 0.61
N ASN A 7 12.00 -20.67 1.87
CA ASN A 7 12.91 -20.84 3.00
C ASN A 7 13.01 -22.29 3.45
N GLY A 8 12.40 -23.23 2.72
CA GLY A 8 12.58 -24.63 2.98
C GLY A 8 11.50 -25.29 3.82
N THR A 9 10.65 -24.51 4.50
CA THR A 9 9.51 -25.09 5.19
C THR A 9 8.75 -25.98 4.22
N ALA A 10 8.22 -27.09 4.72
CA ALA A 10 7.65 -28.11 3.84
C ALA A 10 6.35 -28.64 4.43
N ILE A 11 5.46 -29.05 3.53
CA ILE A 11 4.27 -29.84 3.87
C ILE A 11 4.38 -31.15 3.11
N PRO A 12 4.31 -32.31 3.77
CA PRO A 12 4.55 -33.57 3.06
C PRO A 12 3.30 -34.19 2.49
N ILE A 13 3.49 -35.33 1.82
CA ILE A 13 2.40 -36.18 1.34
C ILE A 13 1.27 -36.22 2.35
N GLY A 14 0.04 -36.04 1.88
CA GLY A 14 -1.12 -36.01 2.75
C GLY A 14 -1.52 -34.64 3.23
N GLY A 15 -0.69 -33.63 3.02
CA GLY A 15 -1.06 -32.27 3.34
C GLY A 15 -0.74 -31.88 4.76
N GLY A 16 -1.32 -30.75 5.16
CA GLY A 16 -1.04 -30.14 6.44
C GLY A 16 -1.07 -28.62 6.31
N SER A 17 -0.27 -27.92 7.10
CA SER A 17 -0.22 -26.48 6.99
C SER A 17 1.19 -25.98 7.31
N ALA A 18 1.46 -24.76 6.87
CA ALA A 18 2.75 -24.13 7.07
C ALA A 18 2.57 -22.61 7.05
N ASN A 19 3.51 -21.92 7.68
CA ASN A 19 3.53 -20.46 7.65
C ASN A 19 4.55 -20.01 6.62
N VAL A 20 4.23 -18.93 5.91
CA VAL A 20 5.06 -18.42 4.83
C VAL A 20 5.31 -16.95 5.11
N TYR A 21 6.57 -16.59 5.30
CA TYR A 21 6.98 -15.21 5.57
C TYR A 21 7.53 -14.61 4.29
N VAL A 22 6.91 -13.54 3.81
CA VAL A 22 7.20 -12.98 2.50
C VAL A 22 7.52 -11.50 2.64
N ASN A 23 8.50 -11.04 1.87
CA ASN A 23 8.77 -9.61 1.72
C ASN A 23 7.81 -9.03 0.70
N LEU A 24 7.06 -8.01 1.09
CA LEU A 24 6.03 -7.44 0.24
C LEU A 24 6.55 -6.23 -0.51
N ALA A 25 6.09 -6.08 -1.75
CA ALA A 25 6.33 -4.88 -2.56
C ALA A 25 5.04 -4.54 -3.29
N PRO A 26 4.01 -4.12 -2.56
CA PRO A 26 2.72 -3.81 -3.20
C PRO A 26 2.87 -2.72 -4.24
N ALA A 27 2.00 -2.76 -5.25
CA ALA A 27 2.05 -1.83 -6.36
C ALA A 27 0.64 -1.70 -6.93
N VAL A 28 0.27 -0.49 -7.34
CA VAL A 28 -0.99 -0.33 -8.05
C VAL A 28 -0.83 -0.89 -9.46
N ASN A 29 -1.85 -1.57 -9.93
CA ASN A 29 -1.94 -2.04 -11.31
C ASN A 29 -3.27 -1.55 -11.87
N VAL A 30 -3.42 -1.65 -13.20
CA VAL A 30 -4.67 -1.21 -13.82
C VAL A 30 -5.81 -2.08 -13.30
N GLY A 31 -6.76 -1.45 -12.59
CA GLY A 31 -7.96 -2.11 -12.14
C GLY A 31 -7.81 -2.96 -10.89
N GLN A 32 -6.59 -3.34 -10.53
CA GLN A 32 -6.34 -4.20 -9.37
C GLN A 32 -4.94 -3.86 -8.87
N ASN A 33 -4.73 -4.00 -7.57
CA ASN A 33 -3.43 -3.68 -6.97
C ASN A 33 -2.76 -4.96 -6.49
N LEU A 34 -1.50 -5.15 -6.85
CA LEU A 34 -0.75 -6.32 -6.40
C LEU A 34 -0.50 -6.23 -4.91
N VAL A 35 -0.94 -7.26 -4.18
CA VAL A 35 -0.59 -7.40 -2.77
C VAL A 35 0.67 -8.25 -2.60
N VAL A 36 0.68 -9.43 -3.22
CA VAL A 36 1.78 -10.36 -3.06
C VAL A 36 1.76 -11.44 -4.13
N ASP A 37 2.93 -11.67 -4.73
CA ASP A 37 3.15 -12.78 -5.66
C ASP A 37 3.77 -13.94 -4.89
N LEU A 38 3.12 -15.10 -4.93
CA LEU A 38 3.58 -16.27 -4.20
C LEU A 38 4.21 -17.32 -5.09
N SER A 39 4.29 -17.07 -6.40
CA SER A 39 4.93 -18.01 -7.31
C SER A 39 6.43 -18.08 -7.11
N THR A 40 7.00 -17.21 -6.28
CA THR A 40 8.40 -17.30 -5.90
C THR A 40 8.57 -17.87 -4.49
N GLN A 41 7.46 -18.18 -3.83
CA GLN A 41 7.46 -18.54 -2.41
C GLN A 41 7.02 -19.96 -2.12
N ILE A 42 6.24 -20.59 -3.00
CA ILE A 42 5.61 -21.87 -2.73
C ILE A 42 5.80 -22.76 -3.95
N PHE A 43 6.30 -23.98 -3.72
CA PHE A 43 6.66 -24.88 -4.79
C PHE A 43 6.14 -26.28 -4.48
N CYS A 44 5.81 -27.02 -5.54
CA CYS A 44 5.19 -28.33 -5.41
C CYS A 44 5.70 -29.25 -6.50
N HIS A 45 5.61 -30.55 -6.25
CA HIS A 45 6.07 -31.54 -7.20
C HIS A 45 5.22 -32.81 -7.09
N ASN A 46 5.17 -33.55 -8.20
CA ASN A 46 4.54 -34.86 -8.29
C ASN A 46 5.58 -35.93 -8.00
N ASP A 47 5.24 -36.88 -7.13
CA ASP A 47 6.19 -37.88 -6.68
C ASP A 47 6.27 -39.11 -7.57
N TYR A 48 5.32 -39.30 -8.49
CA TYR A 48 5.33 -40.47 -9.38
C TYR A 48 4.77 -40.06 -10.74
N PRO A 49 5.44 -39.13 -11.42
CA PRO A 49 4.87 -38.56 -12.66
C PRO A 49 4.78 -39.54 -13.81
N GLU A 50 5.51 -40.66 -13.78
CA GLU A 50 5.38 -41.64 -14.85
C GLU A 50 4.06 -42.39 -14.76
N THR A 51 3.48 -42.44 -13.57
CA THR A 51 2.33 -43.27 -13.25
C THR A 51 1.09 -42.47 -12.89
N ILE A 52 1.27 -41.26 -12.38
CA ILE A 52 0.18 -40.49 -11.75
C ILE A 52 0.20 -39.08 -12.29
N THR A 53 -1.00 -38.53 -12.53
CA THR A 53 -1.18 -37.10 -12.77
C THR A 53 -1.78 -36.48 -11.52
N ASP A 54 -1.14 -35.42 -11.02
CA ASP A 54 -1.63 -34.69 -9.87
C ASP A 54 -2.37 -33.44 -10.32
N TYR A 55 -3.48 -33.14 -9.64
CA TYR A 55 -4.29 -31.96 -9.93
C TYR A 55 -4.28 -31.04 -8.72
N VAL A 56 -4.16 -29.74 -8.96
CA VAL A 56 -4.05 -28.76 -7.87
C VAL A 56 -4.98 -27.60 -8.15
N THR A 57 -5.81 -27.26 -7.17
CA THR A 57 -6.68 -26.10 -7.24
C THR A 57 -6.44 -25.22 -6.03
N LEU A 58 -6.97 -24.00 -6.10
CA LEU A 58 -7.12 -23.13 -4.94
C LEU A 58 -8.55 -23.28 -4.44
N GLN A 59 -8.70 -23.82 -3.23
CA GLN A 59 -9.99 -24.22 -2.71
C GLN A 59 -10.76 -23.02 -2.18
N ARG A 60 -12.09 -23.11 -2.23
CA ARG A 60 -12.92 -22.01 -1.75
C ARG A 60 -12.69 -21.81 -0.26
N GLY A 61 -12.86 -20.58 0.18
CA GLY A 61 -12.53 -20.17 1.53
C GLY A 61 -11.21 -19.45 1.65
N SER A 62 -10.32 -19.60 0.67
CA SER A 62 -9.08 -18.84 0.64
C SER A 62 -9.39 -17.36 0.62
N ALA A 63 -8.66 -16.59 1.44
CA ALA A 63 -9.07 -15.22 1.72
C ALA A 63 -7.94 -14.43 2.37
N TYR A 64 -8.10 -13.11 2.35
CA TYR A 64 -7.22 -12.23 3.10
C TYR A 64 -7.51 -12.35 4.59
N GLY A 65 -6.47 -12.11 5.39
CA GLY A 65 -6.60 -12.04 6.83
C GLY A 65 -6.08 -10.74 7.38
N GLY A 66 -6.03 -10.60 8.71
CA GLY A 66 -5.54 -9.38 9.31
C GLY A 66 -6.36 -8.17 8.87
N VAL A 67 -5.68 -7.03 8.72
CA VAL A 67 -6.36 -5.81 8.33
C VAL A 67 -6.93 -5.92 6.91
N LEU A 68 -6.38 -6.79 6.07
CA LEU A 68 -6.84 -6.93 4.70
C LEU A 68 -8.12 -7.74 4.55
N SER A 69 -8.65 -8.31 5.65
CA SER A 69 -9.79 -9.20 5.53
C SER A 69 -11.04 -8.48 5.03
N SER A 70 -11.15 -7.17 5.27
CA SER A 70 -12.31 -6.43 4.77
C SER A 70 -12.32 -6.36 3.24
N PHE A 71 -11.14 -6.37 2.63
CA PHE A 71 -11.03 -6.07 1.21
C PHE A 71 -11.30 -7.29 0.36
N SER A 72 -11.89 -7.04 -0.80
CA SER A 72 -12.04 -8.03 -1.85
C SER A 72 -11.07 -7.70 -2.97
N GLY A 73 -10.90 -8.66 -3.87
CA GLY A 73 -9.94 -8.49 -4.95
C GLY A 73 -10.02 -9.63 -5.93
N THR A 74 -8.88 -9.95 -6.55
CA THR A 74 -8.79 -11.10 -7.42
C THR A 74 -7.54 -11.89 -7.07
N VAL A 75 -7.55 -13.15 -7.48
CA VAL A 75 -6.39 -14.03 -7.40
C VAL A 75 -6.03 -14.41 -8.82
N LYS A 76 -4.74 -14.37 -9.14
CA LYS A 76 -4.26 -14.78 -10.45
C LYS A 76 -3.69 -16.19 -10.31
N TYR A 77 -4.39 -17.17 -10.87
CA TYR A 77 -4.01 -18.57 -10.75
C TYR A 77 -3.58 -19.06 -12.13
N ASN A 78 -2.30 -19.39 -12.24
CA ASN A 78 -1.70 -19.81 -13.52
C ASN A 78 -2.12 -18.87 -14.65
N GLY A 79 -2.09 -17.56 -14.36
CA GLY A 79 -2.25 -16.54 -15.36
C GLY A 79 -3.65 -15.99 -15.50
N SER A 80 -4.67 -16.75 -15.11
CA SER A 80 -6.06 -16.31 -15.22
C SER A 80 -6.52 -15.70 -13.90
N SER A 81 -7.51 -14.81 -13.99
CA SER A 81 -8.03 -14.10 -12.83
C SER A 81 -9.33 -14.71 -12.36
N TYR A 82 -9.47 -14.83 -11.05
CA TYR A 82 -10.67 -15.37 -10.41
C TYR A 82 -10.96 -14.50 -9.20
N PRO A 83 -12.21 -14.42 -8.77
CA PRO A 83 -12.53 -13.59 -7.59
C PRO A 83 -11.74 -14.04 -6.38
N PHE A 84 -11.52 -13.10 -5.47
CA PHE A 84 -10.83 -13.38 -4.23
C PHE A 84 -11.49 -12.50 -3.17
N PRO A 85 -11.91 -13.06 -2.02
CA PRO A 85 -11.78 -14.46 -1.59
C PRO A 85 -12.45 -15.45 -2.51
N THR A 86 -11.87 -16.65 -2.63
CA THR A 86 -12.43 -17.65 -3.53
C THR A 86 -13.71 -18.20 -2.93
N THR A 87 -14.81 -18.01 -3.65
CA THR A 87 -16.10 -18.57 -3.28
C THR A 87 -16.39 -19.88 -4.00
N SER A 88 -15.63 -20.18 -5.04
CA SER A 88 -15.67 -21.47 -5.71
C SER A 88 -14.25 -21.87 -6.08
N GLU A 89 -13.97 -23.16 -5.94
CA GLU A 89 -12.69 -23.74 -6.33
C GLU A 89 -12.29 -23.29 -7.73
N THR A 90 -10.99 -23.04 -7.92
CA THR A 90 -10.48 -22.67 -9.22
C THR A 90 -10.41 -23.90 -10.14
N PRO A 91 -10.11 -23.70 -11.42
CA PRO A 91 -9.75 -24.83 -12.29
C PRO A 91 -8.53 -25.58 -11.76
N ARG A 92 -8.20 -26.69 -12.42
CA ARG A 92 -7.13 -27.56 -11.98
C ARG A 92 -5.86 -27.31 -12.79
N VAL A 93 -4.74 -27.23 -12.09
CA VAL A 93 -3.42 -27.16 -12.70
C VAL A 93 -2.76 -28.52 -12.56
N VAL A 94 -2.20 -29.03 -13.64
CA VAL A 94 -1.52 -30.33 -13.62
C VAL A 94 -0.14 -30.17 -13.02
N TYR A 95 0.26 -31.16 -12.22
CA TYR A 95 1.65 -31.32 -11.79
C TYR A 95 2.11 -32.69 -12.24
N ASN A 96 3.20 -32.72 -13.01
CA ASN A 96 3.62 -33.93 -13.71
C ASN A 96 5.13 -34.07 -13.74
N SER A 97 5.82 -33.50 -12.76
CA SER A 97 7.27 -33.59 -12.69
C SER A 97 7.73 -33.69 -11.25
N ARG A 98 8.83 -34.41 -11.05
CA ARG A 98 9.48 -34.48 -9.76
C ARG A 98 10.15 -33.17 -9.39
N THR A 99 10.47 -32.34 -10.39
CA THR A 99 11.08 -31.04 -10.14
C THR A 99 10.07 -30.11 -9.49
N ASP A 100 10.48 -29.46 -8.40
CA ASP A 100 9.62 -28.49 -7.74
C ASP A 100 9.32 -27.33 -8.70
N LYS A 101 8.04 -27.11 -8.96
CA LYS A 101 7.56 -26.02 -9.80
C LYS A 101 6.76 -25.05 -8.94
N PRO A 102 6.66 -23.78 -9.34
CA PRO A 102 5.93 -22.81 -8.52
C PRO A 102 4.43 -23.11 -8.50
N TRP A 103 3.82 -22.87 -7.34
CA TRP A 103 2.37 -22.76 -7.24
C TRP A 103 2.00 -21.35 -7.69
N PRO A 104 1.44 -21.19 -8.90
CA PRO A 104 1.34 -19.84 -9.51
C PRO A 104 0.15 -19.01 -9.00
N VAL A 105 0.34 -18.41 -7.84
CA VAL A 105 -0.71 -17.65 -7.16
C VAL A 105 -0.19 -16.24 -6.91
N ALA A 106 -1.00 -15.25 -7.28
CA ALA A 106 -0.72 -13.85 -6.97
C ALA A 106 -2.01 -13.20 -6.50
N LEU A 107 -1.93 -12.45 -5.41
CA LEU A 107 -3.09 -11.87 -4.78
C LEU A 107 -3.18 -10.39 -5.10
N TYR A 108 -4.39 -9.94 -5.41
CA TYR A 108 -4.64 -8.56 -5.78
C TYR A 108 -5.82 -8.03 -4.99
N LEU A 109 -5.90 -6.71 -4.92
CA LEU A 109 -6.89 -6.00 -4.13
C LEU A 109 -7.60 -5.01 -5.03
N THR A 110 -8.92 -4.95 -4.89
CA THR A 110 -9.73 -4.08 -5.74
C THR A 110 -9.69 -2.65 -5.20
N PRO A 111 -9.33 -1.67 -6.02
CA PRO A 111 -9.24 -0.29 -5.52
C PRO A 111 -10.58 0.19 -4.97
N VAL A 112 -10.52 0.84 -3.81
CA VAL A 112 -11.69 1.44 -3.18
C VAL A 112 -11.49 2.91 -2.88
N SER A 113 -10.31 3.46 -3.16
CA SER A 113 -10.02 4.86 -2.87
C SER A 113 -9.33 5.47 -4.09
N SER A 114 -8.85 6.69 -3.96
CA SER A 114 -8.10 7.36 -5.01
C SER A 114 -6.62 7.06 -4.89
N ALA A 115 -6.04 7.34 -3.71
CA ALA A 115 -4.63 7.06 -3.44
C ALA A 115 -4.43 6.60 -2.01
N GLY A 116 -5.47 6.03 -1.40
CA GLY A 116 -5.38 5.56 -0.02
C GLY A 116 -4.39 4.44 0.16
N GLY A 117 -4.22 4.02 1.40
CA GLY A 117 -3.29 2.96 1.74
C GLY A 117 -3.71 2.33 3.04
N VAL A 118 -3.14 1.17 3.32
CA VAL A 118 -3.39 0.47 4.58
C VAL A 118 -2.09 -0.15 5.04
N ALA A 119 -1.74 0.08 6.30
CA ALA A 119 -0.43 -0.28 6.82
C ALA A 119 -0.40 -1.76 7.22
N ILE A 120 0.65 -2.45 6.82
CA ILE A 120 0.90 -3.83 7.21
C ILE A 120 2.14 -3.85 8.09
N LYS A 121 1.98 -4.26 9.35
CA LYS A 121 3.14 -4.47 10.21
C LYS A 121 3.79 -5.80 9.89
N ALA A 122 5.12 -5.83 9.95
CA ALA A 122 5.84 -7.09 9.78
C ALA A 122 5.35 -8.10 10.81
N GLY A 123 5.22 -9.35 10.37
CA GLY A 123 4.78 -10.42 11.24
C GLY A 123 3.28 -10.59 11.35
N SER A 124 2.48 -9.77 10.66
CA SER A 124 1.04 -9.93 10.72
C SER A 124 0.55 -10.81 9.57
N LEU A 125 -0.59 -11.44 9.79
CA LEU A 125 -1.20 -12.33 8.82
C LEU A 125 -1.87 -11.51 7.72
N ILE A 126 -1.56 -11.84 6.46
CA ILE A 126 -2.20 -11.17 5.34
C ILE A 126 -3.12 -12.11 4.54
N ALA A 127 -2.94 -13.42 4.63
CA ALA A 127 -3.82 -14.30 3.86
C ALA A 127 -3.70 -15.74 4.33
N VAL A 128 -4.78 -16.49 4.10
CA VAL A 128 -4.80 -17.95 4.28
C VAL A 128 -5.24 -18.55 2.95
N LEU A 129 -4.39 -19.39 2.37
CA LEU A 129 -4.63 -19.99 1.07
C LEU A 129 -4.74 -21.50 1.22
N ILE A 130 -5.73 -22.10 0.57
CA ILE A 130 -6.00 -23.52 0.69
C ILE A 130 -5.73 -24.17 -0.65
N LEU A 131 -4.63 -24.92 -0.71
CA LEU A 131 -4.27 -25.69 -1.89
C LEU A 131 -4.88 -27.09 -1.76
N ARG A 132 -5.64 -27.49 -2.78
CA ARG A 132 -6.31 -28.79 -2.79
C ARG A 132 -5.67 -29.65 -3.88
N GLN A 133 -5.20 -30.83 -3.49
CA GLN A 133 -4.52 -31.73 -4.40
C GLN A 133 -5.30 -33.02 -4.55
N THR A 134 -5.56 -33.41 -5.80
CA THR A 134 -6.19 -34.67 -6.13
C THR A 134 -5.33 -35.35 -7.21
N ASN A 135 -5.80 -36.46 -7.77
CA ASN A 135 -5.06 -37.14 -8.82
C ASN A 135 -6.00 -37.99 -9.65
N ASN A 136 -5.43 -38.72 -10.61
CA ASN A 136 -6.16 -39.62 -11.49
C ASN A 136 -5.79 -41.07 -11.20
N TYR A 137 -5.50 -41.36 -9.94
CA TYR A 137 -4.91 -42.62 -9.51
C TYR A 137 -5.74 -43.31 -8.45
N ASN A 138 -6.05 -42.61 -7.37
CA ASN A 138 -6.95 -43.10 -6.34
C ASN A 138 -7.86 -41.92 -5.98
N SER A 139 -8.40 -41.93 -4.77
CA SER A 139 -9.32 -40.88 -4.35
C SER A 139 -8.71 -39.96 -3.29
N ASP A 140 -7.38 -39.84 -3.32
CA ASP A 140 -6.69 -38.87 -2.47
C ASP A 140 -7.26 -37.48 -2.68
N ASP A 141 -7.47 -36.76 -1.58
CA ASP A 141 -8.04 -35.41 -1.61
C ASP A 141 -7.43 -34.67 -0.41
N PHE A 142 -6.35 -33.94 -0.65
CA PHE A 142 -5.50 -33.43 0.41
C PHE A 142 -5.51 -31.91 0.44
N GLN A 143 -5.37 -31.37 1.65
CA GLN A 143 -5.36 -29.93 1.87
C GLN A 143 -3.97 -29.49 2.31
N PHE A 144 -3.39 -28.54 1.58
CA PHE A 144 -2.16 -27.86 1.98
C PHE A 144 -2.55 -26.42 2.29
N VAL A 145 -2.48 -26.05 3.57
CA VAL A 145 -2.93 -24.73 4.02
C VAL A 145 -1.70 -23.85 4.24
N TRP A 146 -1.68 -22.70 3.59
CA TRP A 146 -0.57 -21.77 3.63
C TRP A 146 -1.02 -20.50 4.35
N ASN A 147 -0.46 -20.25 5.53
CA ASN A 147 -0.69 -19.02 6.24
C ASN A 147 0.39 -18.01 5.84
N ILE A 148 -0.02 -16.93 5.19
CA ILE A 148 0.89 -15.96 4.59
C ILE A 148 1.08 -14.81 5.57
N TYR A 149 2.34 -14.57 5.96
CA TYR A 149 2.66 -13.48 6.88
C TYR A 149 3.56 -12.46 6.19
N ALA A 150 3.33 -11.18 6.51
CA ALA A 150 4.22 -10.12 6.06
C ALA A 150 5.54 -10.20 6.81
N ASN A 151 6.64 -10.16 6.06
CA ASN A 151 7.98 -10.20 6.64
C ASN A 151 8.57 -8.81 6.85
N ASN A 152 7.82 -7.76 6.53
CA ASN A 152 8.33 -6.40 6.58
C ASN A 152 7.15 -5.46 6.72
N ASP A 153 7.44 -4.22 7.14
CA ASP A 153 6.40 -3.20 7.20
C ASP A 153 6.25 -2.56 5.82
N VAL A 154 5.02 -2.49 5.33
CA VAL A 154 4.72 -1.89 4.04
C VAL A 154 3.36 -1.20 4.13
N VAL A 155 3.04 -0.43 3.10
CA VAL A 155 1.72 0.15 2.91
C VAL A 155 1.18 -0.42 1.60
N VAL A 156 0.02 -1.05 1.67
CA VAL A 156 -0.64 -1.62 0.49
C VAL A 156 -1.55 -0.54 -0.08
N PRO A 157 -1.34 -0.10 -1.33
CA PRO A 157 -2.24 0.91 -1.90
C PRO A 157 -3.65 0.36 -2.06
N THR A 158 -4.63 1.20 -1.75
CA THR A 158 -6.04 0.84 -1.89
C THR A 158 -6.74 1.62 -2.99
N GLY A 159 -5.99 2.37 -3.81
CA GLY A 159 -6.60 3.22 -4.80
C GLY A 159 -6.07 3.03 -6.21
N GLY A 160 -6.47 3.92 -7.11
CA GLY A 160 -5.96 3.88 -8.47
C GLY A 160 -4.62 4.55 -8.65
N CYS A 161 -4.09 5.17 -7.60
CA CYS A 161 -2.90 6.02 -7.70
C CYS A 161 -2.04 5.81 -6.47
N ASP A 162 -0.75 6.13 -6.61
CA ASP A 162 0.21 5.97 -5.52
C ASP A 162 1.10 7.20 -5.45
N VAL A 163 1.70 7.40 -4.28
CA VAL A 163 2.44 8.62 -3.98
C VAL A 163 3.91 8.31 -3.79
N SER A 164 4.75 9.30 -4.07
CA SER A 164 6.19 9.16 -3.91
C SER A 164 6.57 8.82 -2.47
N ALA A 165 5.75 9.23 -1.51
CA ALA A 165 5.99 8.93 -0.11
C ALA A 165 4.70 9.17 0.66
N ARG A 166 4.58 8.51 1.81
CA ARG A 166 3.42 8.67 2.67
C ARG A 166 3.68 9.61 3.84
N ASP A 167 4.95 9.82 4.19
CA ASP A 167 5.35 10.72 5.26
C ASP A 167 6.51 11.55 4.72
N VAL A 168 6.32 12.87 4.66
CA VAL A 168 7.33 13.78 4.13
C VAL A 168 7.64 14.81 5.20
N THR A 169 8.93 15.01 5.47
CA THR A 169 9.41 16.05 6.35
C THR A 169 10.25 17.02 5.55
N VAL A 170 9.98 18.31 5.71
CA VAL A 170 10.80 19.36 5.11
C VAL A 170 11.26 20.29 6.22
N THR A 171 12.34 21.02 5.93
CA THR A 171 12.90 21.98 6.86
C THR A 171 12.99 23.33 6.18
N LEU A 172 12.31 24.32 6.75
CA LEU A 172 12.36 25.67 6.24
C LEU A 172 13.72 26.30 6.52
N PRO A 173 14.17 27.22 5.67
CA PRO A 173 15.23 28.13 6.09
C PRO A 173 14.75 28.87 7.33
N ASP A 174 15.69 29.29 8.17
CA ASP A 174 15.33 30.11 9.32
C ASP A 174 14.47 31.29 8.84
N TYR A 175 13.51 31.67 9.66
CA TYR A 175 12.53 32.67 9.26
C TYR A 175 13.23 33.95 8.80
N PRO A 176 12.77 34.58 7.70
CA PRO A 176 11.71 34.12 6.80
C PRO A 176 12.29 33.24 5.70
N GLY A 177 11.43 32.58 4.95
CA GLY A 177 11.90 31.73 3.87
C GLY A 177 10.86 30.70 3.51
N SER A 178 11.23 29.86 2.55
CA SER A 178 10.33 28.87 1.99
C SER A 178 11.14 27.66 1.57
N VAL A 179 10.44 26.55 1.35
CA VAL A 179 11.11 25.32 0.90
C VAL A 179 10.14 24.50 0.06
N PRO A 180 10.58 23.94 -1.07
CA PRO A 180 9.69 23.05 -1.83
C PRO A 180 9.40 21.78 -1.05
N ILE A 181 8.21 21.23 -1.30
CA ILE A 181 7.79 19.96 -0.73
C ILE A 181 7.87 18.92 -1.84
N PRO A 182 8.78 17.94 -1.76
CA PRO A 182 8.84 16.91 -2.80
C PRO A 182 7.74 15.89 -2.59
N LEU A 183 6.74 15.91 -3.49
CA LEU A 183 5.60 15.01 -3.36
C LEU A 183 4.95 14.86 -4.73
N THR A 184 4.98 13.64 -5.26
CA THR A 184 4.43 13.35 -6.58
C THR A 184 3.39 12.25 -6.47
N VAL A 185 2.60 12.10 -7.54
CA VAL A 185 1.55 11.09 -7.59
C VAL A 185 1.43 10.61 -9.02
N TYR A 186 1.13 9.32 -9.18
CA TYR A 186 0.83 8.76 -10.49
C TYR A 186 -0.33 7.78 -10.34
N CYS A 187 -0.96 7.45 -11.45
CA CYS A 187 -2.09 6.54 -11.48
C CYS A 187 -1.82 5.45 -12.51
N ALA A 188 -2.32 4.25 -12.22
CA ALA A 188 -2.07 3.11 -13.10
C ALA A 188 -2.65 3.36 -14.48
N LYS A 189 -3.86 3.91 -14.54
CA LYS A 189 -4.46 4.44 -15.75
C LYS A 189 -4.83 5.89 -15.48
N SER A 190 -5.04 6.65 -16.54
CA SER A 190 -5.38 8.07 -16.38
C SER A 190 -6.61 8.23 -15.50
N GLN A 191 -6.51 9.11 -14.50
CA GLN A 191 -7.62 9.46 -13.61
C GLN A 191 -7.71 10.98 -13.51
N ASN A 192 -8.92 11.48 -13.25
CA ASN A 192 -9.13 12.89 -12.95
C ASN A 192 -8.90 13.05 -11.45
N LEU A 193 -7.75 13.59 -11.07
CA LEU A 193 -7.29 13.56 -9.70
C LEU A 193 -7.27 14.94 -9.08
N GLY A 194 -7.73 15.02 -7.84
CA GLY A 194 -7.58 16.20 -7.02
C GLY A 194 -7.05 15.83 -5.64
N TYR A 195 -6.93 16.85 -4.79
CA TYR A 195 -6.53 16.61 -3.41
C TYR A 195 -6.97 17.80 -2.56
N TYR A 196 -6.94 17.59 -1.25
CA TYR A 196 -7.25 18.65 -0.30
C TYR A 196 -6.40 18.48 0.94
N LEU A 197 -6.01 19.61 1.53
CA LEU A 197 -5.22 19.62 2.75
C LEU A 197 -6.14 19.60 3.97
N SER A 198 -5.63 19.03 5.06
CA SER A 198 -6.35 19.01 6.32
C SER A 198 -5.36 19.30 7.44
N GLY A 199 -5.81 20.06 8.44
CA GLY A 199 -4.95 20.44 9.54
C GLY A 199 -5.55 21.56 10.35
N THR A 200 -4.83 21.93 11.40
CA THR A 200 -5.27 22.98 12.31
C THR A 200 -4.81 24.33 11.78
N THR A 201 -5.76 25.25 11.61
CA THR A 201 -5.49 26.56 11.04
C THR A 201 -5.72 27.67 12.05
N ALA A 202 -4.93 28.73 11.91
CA ALA A 202 -4.93 29.85 12.85
C ALA A 202 -5.72 31.05 12.36
N ASP A 203 -6.19 31.04 11.12
CA ASP A 203 -6.82 32.21 10.52
C ASP A 203 -8.23 31.89 10.07
N ALA A 204 -8.95 32.95 9.69
CA ALA A 204 -10.30 32.79 9.17
C ALA A 204 -10.28 32.14 7.79
N GLY A 205 -9.34 32.54 6.94
CA GLY A 205 -9.21 31.97 5.61
C GLY A 205 -8.81 30.51 5.57
N ASN A 206 -8.48 29.92 6.72
CA ASN A 206 -8.10 28.51 6.78
C ASN A 206 -6.89 28.23 5.88
N SER A 207 -5.98 29.18 5.80
CA SER A 207 -4.84 29.09 4.90
C SER A 207 -3.49 29.05 5.59
N ILE A 208 -3.44 29.26 6.91
CA ILE A 208 -2.20 29.24 7.67
C ILE A 208 -2.32 28.16 8.74
N PHE A 209 -1.39 27.22 8.73
CA PHE A 209 -1.42 26.10 9.67
C PHE A 209 -0.72 26.47 10.96
N THR A 210 -1.37 26.16 12.07
CA THR A 210 -0.89 26.58 13.38
C THR A 210 0.48 25.99 13.68
N ASN A 211 1.31 26.78 14.37
CA ASN A 211 2.55 26.27 14.94
C ASN A 211 2.21 25.40 16.14
N THR A 212 2.45 24.08 16.01
CA THR A 212 2.21 23.16 17.10
C THR A 212 3.49 22.59 17.70
N ALA A 213 4.64 23.17 17.40
CA ALA A 213 5.86 22.80 18.10
C ALA A 213 5.61 22.90 19.60
N SER A 214 5.98 21.85 20.33
CA SER A 214 5.70 21.79 21.76
C SER A 214 6.86 22.22 22.64
N PHE A 215 8.09 22.13 22.15
CA PHE A 215 9.25 22.60 22.89
C PHE A 215 9.67 23.97 22.38
N SER A 216 9.55 24.99 23.24
CA SER A 216 10.06 26.33 22.96
C SER A 216 9.50 26.86 21.65
N PRO A 217 8.18 26.96 21.51
CA PRO A 217 7.60 27.40 20.25
C PRO A 217 7.81 28.88 20.00
N ALA A 218 8.14 29.22 18.76
CA ALA A 218 8.03 30.60 18.30
C ALA A 218 6.57 31.06 18.41
N GLN A 219 6.37 32.36 18.26
CA GLN A 219 5.02 32.93 18.30
C GLN A 219 4.80 33.82 17.09
N GLY A 220 3.53 34.06 16.78
CA GLY A 220 3.16 34.94 15.70
C GLY A 220 3.43 34.42 14.30
N VAL A 221 3.79 33.14 14.15
CA VAL A 221 3.98 32.58 12.82
C VAL A 221 3.23 31.26 12.71
N GLY A 222 2.86 30.93 11.47
CA GLY A 222 2.34 29.62 11.12
C GLY A 222 2.98 29.17 9.83
N VAL A 223 2.43 28.13 9.21
CA VAL A 223 2.97 27.60 7.96
C VAL A 223 1.87 27.68 6.91
N GLN A 224 2.26 28.08 5.70
CA GLN A 224 1.31 28.31 4.62
C GLN A 224 1.86 27.69 3.35
N LEU A 225 1.02 26.93 2.65
CA LEU A 225 1.44 26.22 1.45
C LEU A 225 1.00 26.98 0.20
N THR A 226 1.89 27.03 -0.78
CA THR A 226 1.60 27.68 -2.06
C THR A 226 1.88 26.69 -3.19
N ARG A 227 1.14 26.85 -4.28
CA ARG A 227 1.35 26.09 -5.51
C ARG A 227 1.73 27.12 -6.58
N ASN A 228 3.03 27.37 -6.70
CA ASN A 228 3.56 28.39 -7.60
C ASN A 228 2.90 29.74 -7.33
N GLY A 229 2.82 30.09 -6.04
CA GLY A 229 2.31 31.38 -5.62
C GLY A 229 0.85 31.41 -5.24
N THR A 230 0.08 30.39 -5.63
CA THR A 230 -1.32 30.31 -5.22
C THR A 230 -1.41 29.71 -3.82
N ILE A 231 -2.10 30.41 -2.92
CA ILE A 231 -2.28 29.90 -1.56
C ILE A 231 -3.26 28.73 -1.59
N ILE A 232 -2.88 27.64 -0.94
CA ILE A 232 -3.71 26.44 -0.83
C ILE A 232 -4.24 26.39 0.60
N PRO A 233 -5.52 26.67 0.83
CA PRO A 233 -6.08 26.52 2.18
C PRO A 233 -6.59 25.10 2.42
N ALA A 234 -6.93 24.83 3.67
CA ALA A 234 -7.42 23.53 4.06
C ALA A 234 -8.83 23.30 3.55
N ASN A 235 -9.16 22.04 3.30
CA ASN A 235 -10.51 21.62 2.95
C ASN A 235 -11.02 22.31 1.70
N ASN A 236 -10.12 22.58 0.75
CA ASN A 236 -10.47 23.06 -0.58
C ASN A 236 -9.80 22.15 -1.59
N THR A 237 -10.60 21.53 -2.44
CA THR A 237 -10.04 20.56 -3.39
C THR A 237 -9.25 21.29 -4.47
N VAL A 238 -8.03 20.82 -4.70
CA VAL A 238 -7.16 21.32 -5.76
C VAL A 238 -7.12 20.26 -6.86
N SER A 239 -7.41 20.67 -8.08
CA SER A 239 -7.41 19.75 -9.20
C SER A 239 -6.01 19.60 -9.78
N LEU A 240 -5.64 18.35 -10.07
CA LEU A 240 -4.40 18.06 -10.78
C LEU A 240 -4.65 17.72 -12.25
N GLY A 241 -5.90 17.83 -12.71
CA GLY A 241 -6.23 17.41 -14.04
C GLY A 241 -6.16 15.90 -14.16
N ALA A 242 -5.76 15.44 -15.35
CA ALA A 242 -5.63 14.02 -15.62
C ALA A 242 -4.23 13.54 -15.25
N VAL A 243 -4.16 12.56 -14.37
CA VAL A 243 -2.89 11.98 -13.91
C VAL A 243 -2.83 10.55 -14.40
N GLY A 244 -1.73 10.21 -15.09
CA GLY A 244 -1.53 8.86 -15.57
C GLY A 244 -0.26 8.24 -15.02
N THR A 245 0.42 7.46 -15.87
CA THR A 245 1.55 6.67 -15.40
C THR A 245 2.83 7.48 -15.21
N SER A 246 2.89 8.71 -15.73
CA SER A 246 4.02 9.59 -15.45
C SER A 246 3.72 10.38 -14.17
N ALA A 247 4.67 10.37 -13.25
CA ALA A 247 4.49 11.07 -11.98
C ALA A 247 4.24 12.56 -12.21
N VAL A 248 3.32 13.11 -11.42
CA VAL A 248 2.97 14.53 -11.45
C VAL A 248 3.31 15.12 -10.09
N SER A 249 4.01 16.25 -10.09
CA SER A 249 4.29 16.95 -8.84
C SER A 249 3.04 17.71 -8.41
N LEU A 250 2.77 17.71 -7.10
CA LEU A 250 1.70 18.54 -6.56
C LEU A 250 2.06 20.02 -6.60
N GLY A 251 3.35 20.33 -6.72
CA GLY A 251 3.78 21.71 -6.89
C GLY A 251 3.84 22.53 -5.63
N LEU A 252 3.98 21.89 -4.48
CA LEU A 252 3.74 22.55 -3.20
C LEU A 252 5.03 23.13 -2.63
N THR A 253 4.88 24.29 -1.98
CA THR A 253 5.96 24.97 -1.30
C THR A 253 5.47 25.37 0.09
N ALA A 254 6.35 25.23 1.09
CA ALA A 254 6.04 25.65 2.44
C ALA A 254 6.63 27.02 2.72
N ASN A 255 5.87 27.85 3.43
CA ASN A 255 6.28 29.21 3.78
C ASN A 255 5.94 29.47 5.24
N TYR A 256 6.69 30.36 5.88
CA TYR A 256 6.21 30.97 7.10
C TYR A 256 5.17 32.02 6.74
N ALA A 257 4.17 32.18 7.59
CA ALA A 257 3.17 33.23 7.40
C ALA A 257 2.78 33.81 8.75
N ARG A 258 2.69 35.14 8.80
CA ARG A 258 2.34 35.82 10.03
C ARG A 258 0.92 35.45 10.45
N THR A 259 0.73 35.24 11.76
CA THR A 259 -0.58 34.91 12.31
C THR A 259 -1.15 35.99 13.21
N GLY A 260 -0.35 36.99 13.58
CA GLY A 260 -0.80 38.01 14.50
C GLY A 260 0.11 38.16 15.70
N GLY A 261 0.51 39.40 16.00
CA GLY A 261 1.31 39.68 17.18
C GLY A 261 2.80 39.54 16.94
N GLN A 262 3.56 39.91 17.96
CA GLN A 262 5.01 39.92 17.85
C GLN A 262 5.53 38.54 17.50
N VAL A 263 6.42 38.49 16.51
CA VAL A 263 7.08 37.25 16.11
C VAL A 263 8.29 37.05 17.03
N THR A 264 8.28 35.95 17.77
CA THR A 264 9.32 35.67 18.75
C THR A 264 10.14 34.45 18.34
N ALA A 265 11.35 34.37 18.88
CA ALA A 265 12.24 33.27 18.56
C ALA A 265 11.69 31.96 19.10
N GLY A 266 12.09 30.86 18.47
CA GLY A 266 11.68 29.54 18.89
C GLY A 266 11.46 28.64 17.70
N ASN A 267 10.82 27.50 17.96
CA ASN A 267 10.63 26.47 16.96
C ASN A 267 9.26 26.60 16.29
N VAL A 268 9.21 26.15 15.03
CA VAL A 268 7.98 26.13 14.26
C VAL A 268 7.78 24.71 13.75
N GLN A 269 6.57 24.19 13.91
CA GLN A 269 6.23 22.91 13.31
C GLN A 269 4.74 22.85 12.99
N SER A 270 4.42 22.32 11.82
CA SER A 270 3.04 22.09 11.40
C SER A 270 2.93 20.73 10.75
N ILE A 271 1.92 19.96 11.15
CA ILE A 271 1.58 18.69 10.52
C ILE A 271 0.38 18.93 9.60
N ILE A 272 0.51 18.53 8.34
CA ILE A 272 -0.49 18.82 7.32
C ILE A 272 -0.82 17.53 6.58
N GLY A 273 -2.11 17.22 6.49
CA GLY A 273 -2.56 16.03 5.78
C GLY A 273 -2.88 16.34 4.32
N VAL A 274 -2.60 15.37 3.46
CA VAL A 274 -2.99 15.43 2.05
C VAL A 274 -3.87 14.22 1.76
N THR A 275 -5.04 14.47 1.16
CA THR A 275 -6.00 13.43 0.83
C THR A 275 -6.43 13.61 -0.62
N PHE A 276 -6.31 12.54 -1.40
CA PHE A 276 -6.64 12.60 -2.82
C PHE A 276 -8.08 12.18 -3.07
N VAL A 277 -8.68 12.76 -4.11
CA VAL A 277 -10.04 12.45 -4.53
C VAL A 277 -10.06 12.32 -6.05
N TYR A 278 -11.15 11.75 -6.56
CA TYR A 278 -11.44 11.72 -7.98
C TYR A 278 -12.43 12.84 -8.31
N GLN A 279 -12.32 13.36 -9.53
CA GLN A 279 -13.19 14.45 -9.96
C GLN A 279 -13.95 14.11 -11.23
N ALA B 1 -5.52 10.87 6.43
CA ALA B 1 -4.86 11.46 5.23
C ALA B 1 -4.04 10.41 4.50
N ASP B 2 -3.99 10.53 3.16
CA ASP B 2 -3.15 9.65 2.36
C ASP B 2 -1.67 9.93 2.57
N VAL B 3 -1.32 11.19 2.81
CA VAL B 3 0.06 11.60 3.05
C VAL B 3 0.07 12.55 4.25
N THR B 4 1.16 12.52 4.99
CA THR B 4 1.37 13.40 6.14
C THR B 4 2.64 14.20 5.90
N ILE B 5 2.50 15.52 5.83
CA ILE B 5 3.64 16.42 5.65
C ILE B 5 3.99 17.01 7.00
N THR B 6 5.28 16.99 7.34
CA THR B 6 5.79 17.63 8.55
C THR B 6 6.71 18.76 8.13
N VAL B 7 6.32 19.99 8.47
CA VAL B 7 7.10 21.19 8.15
C VAL B 7 7.75 21.67 9.44
N ASN B 8 9.07 21.71 9.46
CA ASN B 8 9.84 22.21 10.60
C ASN B 8 10.53 23.50 10.22
N GLY B 9 10.54 24.44 11.17
CA GLY B 9 11.20 25.72 10.95
C GLY B 9 11.59 26.34 12.27
N LYS B 10 12.29 27.47 12.17
CA LYS B 10 12.89 28.10 13.33
C LYS B 10 12.95 29.61 13.12
N VAL B 11 12.62 30.35 14.18
CA VAL B 11 12.80 31.80 14.23
C VAL B 11 14.01 32.08 15.12
N VAL B 12 15.06 32.68 14.55
CA VAL B 12 16.28 32.97 15.30
C VAL B 12 16.31 34.44 15.67
N ALA B 13 16.68 34.71 16.92
CA ALA B 13 16.89 36.08 17.38
C ALA B 13 18.00 36.75 16.58
N LYS B 14 17.85 38.05 16.35
CA LYS B 14 18.85 38.81 15.62
C LYS B 14 18.82 40.28 16.03
#